data_4R72
#
_entry.id   4R72
#
_cell.length_a   57.950
_cell.length_b   80.820
_cell.length_c   126.040
_cell.angle_alpha   90.000
_cell.angle_beta   90.000
_cell.angle_gamma   90.000
#
_symmetry.space_group_name_H-M   'C 2 2 21'
#
loop_
_entity.id
_entity.type
_entity.pdbx_description
1 polymer 'ABC-type Fe3+ transport system, periplasmic component'
2 non-polymer GLYCEROL
3 non-polymer DI(HYDROXYETHYL)ETHER
4 non-polymer 2-AMINO-2-HYDROXYMETHYL-PROPANE-1,3-DIOL
5 non-polymer 'CHLORIDE ION'
6 water water
#
_entity_poly.entity_id   1
_entity_poly.type   'polypeptide(L)'
_entity_poly.pdbx_seq_one_letter_code
;GSKGRLVIYCSATNVMCENAAKTFEQKYDVKTSFIRNGSGSTFAKIEAEKNNPQADVWYGGTLDPQSQAGELGLLEAYRS
PNIDQIMPKFQDPAKVKGNLSSAVYIGILGFAVNTERLKKLGIEKIPQCWNDLTDPKLKGEIQIADPQSSGTAYTAIATF
AQLWGEDKAFDYFKHLHPNISQYTKSGITPARNAARGETTVGIGFLHDYALEKEQGAPLEMVVPCEGTGYELGGVSILKG
ARNLDNAKLFVDFALSKEGQETAWKKGQALQTLTNTTAEQSPLAFDLTKLKLIDYDFEKYGASDERKRLINKWVDEIKLA
K
;
_entity_poly.pdbx_strand_id   A
#
loop_
_chem_comp.id
_chem_comp.type
_chem_comp.name
_chem_comp.formula
CL non-polymer 'CHLORIDE ION' 'Cl -1'
GOL non-polymer GLYCEROL 'C3 H8 O3'
PEG non-polymer DI(HYDROXYETHYL)ETHER 'C4 H10 O3'
TRS non-polymer 2-AMINO-2-HYDROXYMETHYL-PROPANE-1,3-DIOL 'C4 H12 N O3 1'
#
# COMPACT_ATOMS: atom_id res chain seq x y z
N LYS A 3 -9.12 -18.53 26.26
CA LYS A 3 -7.73 -18.73 25.86
C LYS A 3 -6.89 -17.47 26.14
N GLY A 4 -7.43 -16.57 26.94
CA GLY A 4 -6.74 -15.35 27.33
C GLY A 4 -7.12 -14.12 26.54
N ARG A 5 -6.15 -13.23 26.35
CA ARG A 5 -6.47 -11.96 25.69
C ARG A 5 -5.35 -11.51 24.76
N LEU A 6 -5.63 -10.41 24.05
CA LEU A 6 -4.75 -9.84 23.03
C LEU A 6 -5.04 -8.36 22.86
N VAL A 7 -3.99 -7.55 22.86
CA VAL A 7 -4.07 -6.12 22.58
C VAL A 7 -3.34 -5.80 21.29
N ILE A 8 -4.05 -5.16 20.37
CA ILE A 8 -3.54 -4.84 19.04
C ILE A 8 -3.33 -3.32 18.90
N TYR A 9 -2.13 -2.90 18.53
CA TYR A 9 -1.91 -1.56 18.00
C TYR A 9 -2.23 -1.65 16.51
N CYS A 10 -3.32 -1.03 16.08
CA CYS A 10 -3.72 -1.14 14.69
CA CYS A 10 -3.78 -1.11 14.69
C CYS A 10 -3.38 0.14 13.94
N SER A 11 -2.86 -0.01 12.72
CA SER A 11 -2.56 1.16 11.87
C SER A 11 -3.31 1.10 10.54
N ALA A 12 -4.20 0.11 10.41
CA ALA A 12 -5.11 0.02 9.27
C ALA A 12 -6.28 0.92 9.60
N THR A 13 -7.36 0.78 8.85
CA THR A 13 -8.57 1.55 9.17
C THR A 13 -9.29 1.00 10.40
N ASN A 14 -10.07 1.85 11.08
CA ASN A 14 -10.93 1.40 12.16
C ASN A 14 -11.81 0.23 11.75
N VAL A 15 -12.44 0.32 10.58
CA VAL A 15 -13.36 -0.74 10.20
CA VAL A 15 -13.34 -0.72 10.12
C VAL A 15 -12.60 -2.04 9.93
N MET A 16 -11.42 -1.98 9.32
CA MET A 16 -10.66 -3.24 9.07
CA MET A 16 -10.67 -3.21 9.07
C MET A 16 -10.19 -3.83 10.40
N CYS A 17 -9.72 -2.98 11.30
CA CYS A 17 -9.23 -3.36 12.62
CA CYS A 17 -9.20 -3.53 12.54
C CYS A 17 -10.32 -4.05 13.44
N GLU A 18 -11.46 -3.37 13.52
CA GLU A 18 -12.59 -3.90 14.29
C GLU A 18 -13.00 -5.29 13.77
N ASN A 19 -13.07 -5.44 12.45
CA ASN A 19 -13.52 -6.69 11.86
C ASN A 19 -12.46 -7.79 12.09
N ALA A 20 -11.18 -7.42 12.03
CA ALA A 20 -10.15 -8.41 12.30
C ALA A 20 -10.21 -8.87 13.76
N ALA A 21 -10.37 -7.92 14.68
CA ALA A 21 -10.43 -8.26 16.09
C ALA A 21 -11.61 -9.19 16.38
N LYS A 22 -12.78 -8.87 15.83
CA LYS A 22 -13.97 -9.68 16.03
C LYS A 22 -13.85 -11.07 15.44
N THR A 23 -13.32 -11.16 14.24
CA THR A 23 -13.20 -12.42 13.54
CA THR A 23 -13.23 -12.46 13.59
C THR A 23 -12.16 -13.30 14.25
N PHE A 24 -11.06 -12.69 14.68
CA PHE A 24 -10.03 -13.43 15.41
C PHE A 24 -10.57 -13.96 16.72
N GLU A 25 -11.27 -13.09 17.45
CA GLU A 25 -11.83 -13.48 18.75
C GLU A 25 -12.82 -14.63 18.58
N GLN A 26 -13.63 -14.58 17.53
CA GLN A 26 -14.57 -15.68 17.26
C GLN A 26 -13.85 -17.00 16.98
N LYS A 27 -12.82 -16.97 16.15
CA LYS A 27 -12.14 -18.21 15.74
C LYS A 27 -11.35 -18.86 16.87
N TYR A 28 -10.70 -18.03 17.68
CA TYR A 28 -9.71 -18.51 18.64
C TYR A 28 -10.14 -18.34 20.11
N ASP A 29 -11.28 -17.70 20.35
CA ASP A 29 -11.79 -17.45 21.69
C ASP A 29 -10.76 -16.72 22.54
N VAL A 30 -10.21 -15.65 21.98
CA VAL A 30 -9.25 -14.79 22.66
C VAL A 30 -9.92 -13.42 22.79
N LYS A 31 -9.94 -12.85 23.99
CA LYS A 31 -10.55 -11.54 24.20
C LYS A 31 -9.66 -10.46 23.58
N THR A 32 -10.13 -9.87 22.48
CA THR A 32 -9.26 -9.06 21.65
C THR A 32 -9.73 -7.61 21.55
N SER A 33 -8.81 -6.70 21.80
CA SER A 33 -9.09 -5.25 21.66
C SER A 33 -8.04 -4.59 20.79
N PHE A 34 -8.33 -3.41 20.26
CA PHE A 34 -7.32 -2.66 19.52
C PHE A 34 -7.36 -1.16 19.85
N ILE A 35 -6.23 -0.51 19.60
CA ILE A 35 -6.11 0.94 19.65
C ILE A 35 -5.61 1.37 18.30
N ARG A 36 -6.32 2.28 17.62
CA ARG A 36 -5.93 2.64 16.27
C ARG A 36 -5.14 3.95 16.21
N ASN A 37 -4.04 3.94 15.48
CA ASN A 37 -3.22 5.14 15.28
C ASN A 37 -2.47 5.01 13.96
N GLY A 38 -2.11 6.13 13.36
CA GLY A 38 -1.26 6.06 12.18
C GLY A 38 0.07 5.35 12.41
N SER A 39 0.70 4.86 11.34
CA SER A 39 1.95 4.11 11.49
C SER A 39 3.05 4.88 12.23
N GLY A 40 3.20 6.16 11.92
CA GLY A 40 4.21 6.96 12.58
C GLY A 40 3.98 7.14 14.08
N SER A 41 2.79 7.59 14.46
CA SER A 41 2.37 7.72 15.86
C SER A 41 2.56 6.41 16.60
N THR A 42 2.20 5.31 15.94
CA THR A 42 2.30 3.99 16.58
C THR A 42 3.76 3.63 16.83
N PHE A 43 4.61 3.87 15.84
CA PHE A 43 6.04 3.63 15.96
C PHE A 43 6.61 4.37 17.18
N ALA A 44 6.26 5.65 17.29
CA ALA A 44 6.75 6.47 18.40
C ALA A 44 6.31 5.90 19.76
N LYS A 45 5.02 5.54 19.84
CA LYS A 45 4.45 4.91 21.03
C LYS A 45 5.18 3.64 21.42
N ILE A 46 5.37 2.73 20.47
CA ILE A 46 6.03 1.47 20.77
C ILE A 46 7.44 1.72 21.30
N GLU A 47 8.15 2.66 20.66
CA GLU A 47 9.51 2.97 21.09
C GLU A 47 9.54 3.55 22.51
N ALA A 48 8.59 4.44 22.80
CA ALA A 48 8.50 5.08 24.11
C ALA A 48 8.18 4.05 25.19
N GLU A 49 7.39 3.04 24.84
CA GLU A 49 6.94 2.06 25.81
C GLU A 49 7.78 0.80 25.87
N LYS A 50 8.97 0.82 25.25
CA LYS A 50 9.74 -0.40 25.05
C LYS A 50 10.12 -1.18 26.32
N ASN A 51 10.26 -0.48 27.44
CA ASN A 51 10.66 -1.12 28.70
C ASN A 51 9.49 -1.85 29.38
N ASN A 52 8.28 -1.55 28.93
CA ASN A 52 7.04 -2.12 29.48
C ASN A 52 5.95 -2.08 28.42
N PRO A 53 6.03 -3.00 27.44
CA PRO A 53 5.16 -2.84 26.25
C PRO A 53 3.67 -2.92 26.59
N GLN A 54 2.87 -2.10 25.91
CA GLN A 54 1.46 -1.98 26.23
C GLN A 54 0.52 -2.65 25.23
N ALA A 55 1.10 -3.24 24.17
CA ALA A 55 0.33 -4.03 23.19
C ALA A 55 1.10 -5.29 22.87
N ASP A 56 0.45 -6.21 22.17
CA ASP A 56 1.11 -7.47 21.81
C ASP A 56 1.54 -7.53 20.35
N VAL A 57 0.72 -6.94 19.47
CA VAL A 57 0.94 -6.99 18.03
C VAL A 57 0.66 -5.65 17.42
N TRP A 58 1.35 -5.37 16.33
CA TRP A 58 1.15 -4.16 15.55
C TRP A 58 0.62 -4.59 14.18
N TYR A 59 -0.61 -4.17 13.82
CA TYR A 59 -1.29 -4.73 12.65
C TYR A 59 -1.72 -3.64 11.69
N GLY A 60 -1.33 -3.78 10.43
CA GLY A 60 -1.81 -2.88 9.41
C GLY A 60 -0.95 -1.66 9.23
N GLY A 61 -1.30 -0.89 8.20
CA GLY A 61 -0.49 0.26 7.84
C GLY A 61 0.78 -0.17 7.15
N THR A 62 1.56 0.80 6.72
CA THR A 62 2.76 0.49 5.94
CA THR A 62 2.82 0.59 6.00
C THR A 62 3.79 -0.32 6.73
N LEU A 63 4.47 -1.18 6.00
CA LEU A 63 5.44 -2.07 6.61
C LEU A 63 6.74 -1.35 6.97
N ASP A 64 7.08 -0.29 6.24
CA ASP A 64 8.37 0.37 6.42
C ASP A 64 8.68 0.79 7.88
N PRO A 65 7.74 1.48 8.58
CA PRO A 65 8.03 1.74 10.00
C PRO A 65 8.18 0.47 10.85
N GLN A 66 7.48 -0.61 10.51
CA GLN A 66 7.66 -1.85 11.25
C GLN A 66 9.07 -2.39 11.00
N SER A 67 9.58 -2.26 9.78
CA SER A 67 10.95 -2.66 9.49
C SER A 67 11.95 -1.89 10.36
N GLN A 68 11.68 -0.61 10.52
CA GLN A 68 12.56 0.26 11.30
C GLN A 68 12.50 -0.10 12.79
N ALA A 69 11.31 -0.43 13.28
CA ALA A 69 11.19 -0.95 14.64
C ALA A 69 11.96 -2.26 14.82
N GLY A 70 11.97 -3.13 13.80
CA GLY A 70 12.75 -4.35 13.86
C GLY A 70 14.23 -4.07 14.05
N GLU A 71 14.73 -3.05 13.34
CA GLU A 71 16.12 -2.62 13.45
C GLU A 71 16.47 -2.19 14.87
N LEU A 72 15.50 -1.61 15.58
CA LEU A 72 15.74 -1.09 16.93
C LEU A 72 15.52 -2.11 18.06
N GLY A 73 15.21 -3.36 17.71
CA GLY A 73 15.07 -4.42 18.70
C GLY A 73 13.72 -4.36 19.42
N LEU A 74 12.73 -3.76 18.77
CA LEU A 74 11.43 -3.58 19.39
C LEU A 74 10.44 -4.71 19.09
N LEU A 75 10.83 -5.62 18.21
CA LEU A 75 9.94 -6.67 17.72
C LEU A 75 10.44 -8.07 18.10
N GLU A 76 9.52 -9.05 18.09
CA GLU A 76 9.87 -10.44 18.40
C GLU A 76 9.77 -11.28 17.12
N ALA A 77 10.86 -11.91 16.69
CA ALA A 77 10.80 -12.68 15.44
C ALA A 77 9.90 -13.90 15.58
N TYR A 78 9.05 -14.11 14.57
CA TYR A 78 8.21 -15.28 14.52
C TYR A 78 7.77 -15.54 13.09
N ARG A 79 8.18 -16.68 12.54
CA ARG A 79 7.76 -17.07 11.21
C ARG A 79 6.52 -17.94 11.33
N SER A 80 5.36 -17.39 10.98
CA SER A 80 4.16 -18.19 10.87
C SER A 80 4.31 -19.30 9.81
N PRO A 81 3.75 -20.49 10.10
CA PRO A 81 3.66 -21.48 9.02
C PRO A 81 2.95 -20.94 7.78
N ASN A 82 2.09 -19.93 7.94
CA ASN A 82 1.40 -19.41 6.77
C ASN A 82 2.28 -18.57 5.83
N ILE A 83 3.51 -18.29 6.24
CA ILE A 83 4.48 -17.65 5.34
C ILE A 83 4.70 -18.55 4.11
N ASP A 84 4.50 -19.86 4.26
CA ASP A 84 4.59 -20.79 3.14
C ASP A 84 3.64 -20.43 1.98
N GLN A 85 2.57 -19.72 2.29
CA GLN A 85 1.52 -19.40 1.34
C GLN A 85 1.70 -18.01 0.73
N ILE A 86 2.78 -17.35 1.10
CA ILE A 86 3.12 -16.03 0.54
C ILE A 86 4.22 -16.20 -0.55
N MET A 87 4.21 -15.39 -1.62
CA MET A 87 5.24 -15.50 -2.66
C MET A 87 6.59 -15.27 -2.04
N PRO A 88 7.61 -16.05 -2.45
CA PRO A 88 8.97 -15.84 -1.95
C PRO A 88 9.34 -14.35 -1.83
N LYS A 89 9.00 -13.59 -2.85
CA LYS A 89 9.33 -12.18 -2.92
C LYS A 89 8.83 -11.37 -1.72
N PHE A 90 7.71 -11.79 -1.12
CA PHE A 90 7.11 -11.04 -0.05
C PHE A 90 7.13 -11.78 1.28
N GLN A 91 7.83 -12.91 1.35
CA GLN A 91 7.83 -13.74 2.57
C GLN A 91 8.54 -13.10 3.77
N ASP A 92 9.66 -12.43 3.54
CA ASP A 92 10.45 -11.83 4.63
C ASP A 92 11.06 -10.51 4.14
N PRO A 93 10.20 -9.50 3.97
CA PRO A 93 10.55 -8.30 3.19
C PRO A 93 11.26 -7.20 3.96
N ALA A 94 11.30 -7.26 5.28
CA ALA A 94 11.85 -6.14 6.07
C ALA A 94 13.38 -6.17 6.10
N LYS A 95 13.96 -5.15 6.72
CA LYS A 95 15.42 -5.03 6.74
C LYS A 95 16.12 -6.13 7.53
N VAL A 96 15.69 -6.37 8.76
CA VAL A 96 16.22 -7.45 9.56
C VAL A 96 15.45 -8.74 9.24
N LYS A 97 16.13 -9.75 8.73
CA LYS A 97 15.46 -10.97 8.31
C LYS A 97 15.07 -11.85 9.51
N GLY A 98 14.16 -12.79 9.27
CA GLY A 98 13.71 -13.66 10.34
C GLY A 98 12.27 -13.44 10.73
N ASN A 99 11.56 -12.65 9.93
CA ASN A 99 10.13 -12.41 10.15
C ASN A 99 9.83 -11.74 11.47
N LEU A 100 10.56 -10.65 11.72
CA LEU A 100 10.16 -9.70 12.76
CA LEU A 100 10.17 -9.68 12.75
C LEU A 100 8.89 -9.00 12.29
N SER A 101 8.72 -8.90 10.97
CA SER A 101 7.52 -8.33 10.34
C SER A 101 7.18 -9.18 9.13
N SER A 102 5.89 -9.15 8.76
CA SER A 102 5.39 -9.93 7.63
C SER A 102 4.41 -9.08 6.85
N ALA A 103 4.22 -9.42 5.58
CA ALA A 103 3.38 -8.64 4.69
C ALA A 103 1.97 -9.20 4.56
N VAL A 104 0.97 -8.39 4.89
CA VAL A 104 -0.43 -8.87 4.94
C VAL A 104 -1.28 -8.37 3.76
N TYR A 105 -0.82 -7.33 3.08
CA TYR A 105 -1.52 -6.85 1.90
C TYR A 105 -0.60 -5.94 1.12
N ILE A 106 -0.95 -5.73 -0.08
CA ILE A 106 -0.21 -4.78 -0.97
CA ILE A 106 -0.19 -4.80 -0.98
C ILE A 106 -1.14 -3.73 -1.79
N GLY A 107 -0.64 -2.53 -1.69
CA GLY A 107 -1.33 -1.46 -2.40
C GLY A 107 -0.55 -1.25 -3.69
N ILE A 108 -1.22 -1.41 -4.81
CA ILE A 108 -0.58 -1.40 -6.14
CA ILE A 108 -0.56 -1.40 -6.13
C ILE A 108 -0.65 -0.03 -6.78
N LEU A 109 0.49 0.52 -7.20
CA LEU A 109 0.47 1.82 -7.91
C LEU A 109 0.03 1.56 -9.36
N GLY A 110 -0.89 2.36 -9.87
CA GLY A 110 -1.30 2.21 -11.26
C GLY A 110 -2.03 3.47 -11.67
N PHE A 111 -2.92 3.31 -12.64
CA PHE A 111 -3.82 4.44 -12.98
C PHE A 111 -5.17 3.88 -13.35
N ALA A 112 -6.18 4.74 -13.32
CA ALA A 112 -7.49 4.33 -13.79
C ALA A 112 -8.01 5.38 -14.77
N VAL A 113 -8.83 4.90 -15.69
CA VAL A 113 -9.35 5.71 -16.78
C VAL A 113 -10.86 5.82 -16.70
N ASN A 114 -11.38 7.05 -16.76
CA ASN A 114 -12.81 7.25 -16.93
C ASN A 114 -13.20 6.97 -18.37
N THR A 115 -13.92 5.87 -18.59
CA THR A 115 -14.20 5.39 -19.94
C THR A 115 -15.26 6.23 -20.62
N GLU A 116 -16.11 6.85 -19.85
CA GLU A 116 -17.13 7.72 -20.43
C GLU A 116 -16.53 8.96 -20.97
N ARG A 117 -15.67 9.57 -20.19
CA ARG A 117 -14.97 10.76 -20.63
C ARG A 117 -13.98 10.43 -21.76
N LEU A 118 -13.37 9.25 -21.70
CA LEU A 118 -12.46 8.83 -22.76
C LEU A 118 -13.20 8.83 -24.10
N LYS A 119 -14.43 8.33 -24.05
CA LYS A 119 -15.35 8.27 -25.19
C LYS A 119 -15.72 9.66 -25.74
N LYS A 120 -15.28 10.73 -25.07
CA LYS A 120 -15.49 12.11 -25.53
C LYS A 120 -14.23 12.76 -26.09
N LEU A 121 -13.07 12.24 -25.72
CA LEU A 121 -11.79 12.79 -26.17
C LEU A 121 -11.38 12.35 -27.59
N GLY A 122 -12.18 11.46 -28.19
CA GLY A 122 -11.85 10.93 -29.50
C GLY A 122 -10.85 9.80 -29.40
N ILE A 123 -10.66 9.30 -28.18
CA ILE A 123 -9.68 8.24 -27.93
C ILE A 123 -10.39 6.90 -27.81
N GLU A 124 -10.02 5.94 -28.64
CA GLU A 124 -10.79 4.72 -28.74
C GLU A 124 -10.26 3.59 -27.88
N LYS A 125 -8.94 3.58 -27.67
CA LYS A 125 -8.36 2.52 -26.84
C LYS A 125 -8.00 3.03 -25.45
N ILE A 126 -8.30 2.22 -24.45
CA ILE A 126 -7.91 2.54 -23.08
C ILE A 126 -6.40 2.41 -22.95
N PRO A 127 -5.73 3.46 -22.44
CA PRO A 127 -4.27 3.37 -22.21
C PRO A 127 -3.93 2.18 -21.31
N GLN A 128 -2.88 1.45 -21.65
CA GLN A 128 -2.57 0.23 -20.89
C GLN A 128 -1.16 0.28 -20.31
N CYS A 129 -0.40 1.32 -20.66
CA CYS A 129 1.01 1.47 -20.29
CA CYS A 129 0.94 1.43 -20.10
C CYS A 129 1.30 2.86 -19.73
N TRP A 130 2.34 2.99 -18.93
CA TRP A 130 2.78 4.32 -18.50
C TRP A 130 3.07 5.20 -19.70
N ASN A 131 3.73 4.64 -20.70
CA ASN A 131 4.15 5.45 -21.84
C ASN A 131 3.00 5.88 -22.76
N ASP A 132 1.83 5.23 -22.63
CA ASP A 132 0.62 5.67 -23.32
C ASP A 132 0.14 7.03 -22.81
N LEU A 133 0.54 7.41 -21.60
CA LEU A 133 0.01 8.62 -20.99
C LEU A 133 0.65 9.90 -21.53
N THR A 134 1.67 9.76 -22.36
CA THR A 134 2.28 10.94 -22.97
C THR A 134 1.62 11.29 -24.30
N ASP A 135 0.60 10.53 -24.68
CA ASP A 135 -0.19 10.80 -25.90
C ASP A 135 -0.72 12.24 -25.89
N PRO A 136 -0.46 13.02 -26.96
CA PRO A 136 -0.97 14.41 -26.89
C PRO A 136 -2.49 14.51 -26.86
N LYS A 137 -3.21 13.43 -27.19
CA LYS A 137 -4.67 13.46 -27.08
C LYS A 137 -5.12 13.58 -25.61
N LEU A 138 -4.20 13.31 -24.69
CA LEU A 138 -4.53 13.36 -23.26
C LEU A 138 -4.10 14.66 -22.61
N LYS A 139 -3.85 15.70 -23.41
CA LYS A 139 -3.43 16.99 -22.88
C LYS A 139 -4.50 17.54 -21.94
N GLY A 140 -4.07 17.89 -20.74
CA GLY A 140 -4.97 18.42 -19.72
C GLY A 140 -5.95 17.41 -19.15
N GLU A 141 -5.67 16.12 -19.32
CA GLU A 141 -6.62 15.08 -18.96
C GLU A 141 -6.09 14.05 -17.98
N ILE A 142 -4.96 14.34 -17.35
CA ILE A 142 -4.32 13.45 -16.37
C ILE A 142 -4.06 14.17 -15.07
N GLN A 143 -4.25 13.50 -13.93
CA GLN A 143 -3.83 14.05 -12.65
C GLN A 143 -3.02 13.06 -11.83
N ILE A 144 -2.09 13.59 -11.06
CA ILE A 144 -1.30 12.84 -10.07
C ILE A 144 -1.07 13.82 -8.94
N ALA A 145 -0.80 13.33 -7.73
CA ALA A 145 -0.47 14.24 -6.65
C ALA A 145 0.91 14.86 -6.79
N ASP A 146 1.10 15.95 -6.02
CA ASP A 146 2.35 16.69 -5.96
C ASP A 146 3.31 15.98 -5.02
N PRO A 147 4.49 15.60 -5.53
CA PRO A 147 5.47 14.90 -4.71
C PRO A 147 5.87 15.66 -3.45
N GLN A 148 5.78 16.99 -3.48
CA GLN A 148 6.07 17.78 -2.28
C GLN A 148 5.12 17.54 -1.12
N SER A 149 3.87 17.18 -1.41
CA SER A 149 2.87 17.04 -0.35
C SER A 149 2.28 15.63 -0.19
N SER A 150 2.63 14.72 -1.10
CA SER A 150 2.03 13.39 -1.14
C SER A 150 3.01 12.24 -1.29
N GLY A 151 2.96 11.30 -0.36
CA GLY A 151 3.79 10.11 -0.43
C GLY A 151 3.42 9.23 -1.61
N THR A 152 2.17 9.30 -2.04
CA THR A 152 1.71 8.50 -3.18
C THR A 152 2.49 8.90 -4.43
N ALA A 153 2.64 10.20 -4.64
CA ALA A 153 3.42 10.70 -5.76
C ALA A 153 4.90 10.34 -5.63
N TYR A 154 5.43 10.36 -4.41
CA TYR A 154 6.82 9.91 -4.22
C TYR A 154 7.01 8.43 -4.57
N THR A 155 6.08 7.56 -4.14
CA THR A 155 6.11 6.17 -4.60
C THR A 155 6.16 6.06 -6.13
N ALA A 156 5.46 6.94 -6.81
CA ALA A 156 5.53 6.96 -8.27
C ALA A 156 6.95 7.29 -8.74
N ILE A 157 7.55 8.35 -8.20
CA ILE A 157 8.91 8.70 -8.57
C ILE A 157 9.88 7.54 -8.36
N ALA A 158 9.81 6.92 -7.19
CA ALA A 158 10.72 5.84 -6.86
C ALA A 158 10.48 4.64 -7.77
N THR A 159 9.22 4.41 -8.13
CA THR A 159 8.85 3.29 -9.02
C THR A 159 9.47 3.51 -10.40
N PHE A 160 9.30 4.70 -10.95
CA PHE A 160 9.82 5.03 -12.27
C PHE A 160 11.34 4.94 -12.28
N ALA A 161 11.98 5.36 -11.18
CA ALA A 161 13.44 5.30 -11.07
C ALA A 161 13.94 3.87 -11.05
N GLN A 162 13.19 2.98 -10.42
CA GLN A 162 13.59 1.56 -10.38
C GLN A 162 13.24 0.83 -11.67
N LEU A 163 12.20 1.27 -12.36
CA LEU A 163 11.76 0.68 -13.62
CA LEU A 163 11.78 0.63 -13.59
C LEU A 163 12.73 0.98 -14.74
N TRP A 164 13.12 2.25 -14.84
CA TRP A 164 13.86 2.73 -16.01
C TRP A 164 15.22 3.39 -15.77
N GLY A 165 15.63 3.47 -14.51
CA GLY A 165 16.77 4.29 -14.11
C GLY A 165 16.33 5.72 -13.85
N GLU A 166 17.06 6.44 -13.00
CA GLU A 166 16.65 7.78 -12.59
C GLU A 166 16.58 8.75 -13.77
N ASP A 167 17.55 8.71 -14.68
CA ASP A 167 17.54 9.63 -15.81
C ASP A 167 16.31 9.50 -16.69
N LYS A 168 15.96 8.27 -17.07
CA LYS A 168 14.83 8.06 -17.96
C LYS A 168 13.51 8.26 -17.20
N ALA A 169 13.53 8.05 -15.88
CA ALA A 169 12.34 8.32 -15.06
C ALA A 169 12.00 9.80 -15.14
N PHE A 170 13.02 10.65 -15.02
CA PHE A 170 12.75 12.09 -15.06
C PHE A 170 12.46 12.55 -16.49
N ASP A 171 13.01 11.88 -17.50
CA ASP A 171 12.58 12.14 -18.87
C ASP A 171 11.09 11.83 -19.02
N TYR A 172 10.63 10.73 -18.46
CA TYR A 172 9.23 10.38 -18.52
C TYR A 172 8.40 11.46 -17.81
N PHE A 173 8.84 11.77 -16.63
CA PHE A 173 8.03 12.97 -15.94
CA PHE A 173 8.16 12.89 -16.04
C PHE A 173 7.91 14.30 -16.78
N LYS A 174 9.02 14.53 -17.48
CA LYS A 174 9.05 15.74 -18.34
C LYS A 174 8.07 15.63 -19.49
N HIS A 175 7.92 14.43 -20.02
CA HIS A 175 6.98 14.19 -21.11
C HIS A 175 5.53 14.01 -20.64
N LEU A 176 5.35 13.54 -19.40
CA LEU A 176 4.01 13.42 -18.80
C LEU A 176 3.46 14.79 -18.41
N HIS A 177 4.36 15.65 -17.94
CA HIS A 177 4.02 16.97 -17.40
C HIS A 177 3.02 17.84 -18.22
N PRO A 178 3.23 18.02 -19.54
CA PRO A 178 2.26 18.82 -20.30
C PRO A 178 0.84 18.26 -20.33
N ASN A 179 0.64 17.00 -19.97
CA ASN A 179 -0.70 16.41 -19.95
C ASN A 179 -1.36 16.48 -18.59
N ILE A 180 -0.61 16.89 -17.57
CA ILE A 180 -1.13 17.00 -16.21
C ILE A 180 -1.89 18.32 -16.03
N SER A 181 -3.17 18.21 -15.72
CA SER A 181 -3.99 19.41 -15.49
C SER A 181 -3.80 19.98 -14.08
N GLN A 182 -3.47 19.13 -13.12
CA GLN A 182 -3.32 19.52 -11.72
C GLN A 182 -2.45 18.52 -11.00
N TYR A 183 -1.43 19.03 -10.29
CA TYR A 183 -0.75 18.23 -9.28
C TYR A 183 -1.46 18.43 -7.96
N THR A 184 -2.18 17.41 -7.52
CA THR A 184 -3.09 17.58 -6.39
C THR A 184 -2.36 17.55 -5.06
N LYS A 185 -2.88 18.25 -4.07
CA LYS A 185 -2.21 18.25 -2.77
C LYS A 185 -2.21 16.87 -2.13
N SER A 186 -3.34 16.20 -2.23
CA SER A 186 -3.54 14.88 -1.65
C SER A 186 -3.38 13.74 -2.67
N GLY A 187 -2.78 12.63 -2.24
CA GLY A 187 -2.57 11.49 -3.13
C GLY A 187 -3.82 10.89 -3.72
N ILE A 188 -4.94 10.97 -2.98
CA ILE A 188 -6.17 10.30 -3.38
C ILE A 188 -7.10 11.16 -4.27
N THR A 189 -6.83 12.45 -4.34
CA THR A 189 -7.70 13.36 -5.10
C THR A 189 -7.88 12.96 -6.59
N PRO A 190 -6.83 12.44 -7.25
CA PRO A 190 -7.08 12.05 -8.65
C PRO A 190 -8.08 10.90 -8.79
N ALA A 191 -8.27 10.10 -7.74
CA ALA A 191 -9.29 9.05 -7.79
C ALA A 191 -10.69 9.67 -7.75
N ARG A 192 -10.91 10.59 -6.82
CA ARG A 192 -12.21 11.28 -6.80
C ARG A 192 -12.45 12.06 -8.09
N ASN A 193 -11.40 12.69 -8.60
CA ASN A 193 -11.57 13.51 -9.80
C ASN A 193 -11.82 12.67 -11.05
N ALA A 194 -11.04 11.60 -11.23
CA ALA A 194 -11.32 10.71 -12.35
C ALA A 194 -12.73 10.12 -12.26
N ALA A 195 -13.13 9.71 -11.06
CA ALA A 195 -14.48 9.16 -10.86
C ALA A 195 -15.61 10.10 -11.29
N ARG A 196 -15.40 11.40 -11.13
CA ARG A 196 -16.49 12.37 -11.37
C ARG A 196 -16.33 13.06 -12.72
N GLY A 197 -15.33 12.67 -13.50
CA GLY A 197 -15.15 13.25 -14.83
C GLY A 197 -14.43 14.61 -14.83
N GLU A 198 -13.81 14.94 -13.71
CA GLU A 198 -12.98 16.14 -13.58
C GLU A 198 -11.62 15.99 -14.26
N THR A 199 -11.23 14.73 -14.51
CA THR A 199 -10.07 14.40 -15.31
C THR A 199 -10.39 13.04 -15.98
N THR A 200 -9.59 12.64 -16.96
CA THR A 200 -9.77 11.33 -17.61
C THR A 200 -8.94 10.22 -16.97
N VAL A 201 -7.70 10.53 -16.60
CA VAL A 201 -6.82 9.51 -16.00
C VAL A 201 -6.30 10.00 -14.66
N GLY A 202 -6.42 9.17 -13.62
CA GLY A 202 -5.79 9.46 -12.35
C GLY A 202 -4.71 8.43 -12.05
N ILE A 203 -3.56 8.90 -11.58
CA ILE A 203 -2.46 8.02 -11.16
C ILE A 203 -2.44 7.93 -9.63
N GLY A 204 -2.36 6.71 -9.09
CA GLY A 204 -2.29 6.57 -7.64
C GLY A 204 -2.49 5.12 -7.24
N PHE A 205 -2.87 4.86 -5.99
CA PHE A 205 -3.05 3.45 -5.58
C PHE A 205 -4.38 2.89 -6.06
N LEU A 206 -4.30 1.72 -6.69
CA LEU A 206 -5.48 1.21 -7.39
C LEU A 206 -6.66 0.93 -6.43
N HIS A 207 -6.41 0.58 -5.17
CA HIS A 207 -7.55 0.30 -4.27
C HIS A 207 -8.43 1.54 -4.04
N ASP A 208 -7.88 2.74 -4.20
CA ASP A 208 -8.69 3.97 -4.09
C ASP A 208 -9.63 4.14 -5.30
N TYR A 209 -9.15 3.80 -6.48
CA TYR A 209 -9.97 3.81 -7.70
C TYR A 209 -11.01 2.72 -7.61
N ALA A 210 -10.64 1.60 -6.99
CA ALA A 210 -11.55 0.48 -6.80
C ALA A 210 -12.77 0.89 -5.98
N LEU A 211 -12.56 1.66 -4.92
CA LEU A 211 -13.71 2.10 -4.12
C LEU A 211 -14.64 2.99 -4.96
N GLU A 212 -14.06 3.87 -5.77
CA GLU A 212 -14.89 4.73 -6.61
C GLU A 212 -15.66 3.89 -7.63
N LYS A 213 -15.02 2.87 -8.19
CA LYS A 213 -15.70 1.93 -9.07
C LYS A 213 -16.84 1.17 -8.35
N GLU A 214 -16.59 0.75 -7.12
CA GLU A 214 -17.57 0.04 -6.32
C GLU A 214 -18.84 0.86 -6.20
N GLN A 215 -18.67 2.18 -6.08
CA GLN A 215 -19.78 3.10 -5.83
C GLN A 215 -20.46 3.54 -7.11
N GLY A 216 -19.97 3.04 -8.25
CA GLY A 216 -20.62 3.27 -9.53
C GLY A 216 -19.89 4.11 -10.57
N ALA A 217 -18.64 4.52 -10.30
CA ALA A 217 -17.93 5.35 -11.28
C ALA A 217 -17.48 4.53 -12.48
N PRO A 218 -17.48 5.13 -13.66
CA PRO A 218 -17.10 4.41 -14.89
C PRO A 218 -15.60 4.40 -15.08
N LEU A 219 -14.91 3.65 -14.23
CA LEU A 219 -13.44 3.58 -14.20
C LEU A 219 -12.95 2.20 -14.55
N GLU A 220 -11.95 2.19 -15.40
CA GLU A 220 -11.20 0.97 -15.69
C GLU A 220 -9.83 1.09 -15.05
N MET A 221 -9.50 0.16 -14.14
CA MET A 221 -8.22 0.15 -13.46
CA MET A 221 -8.20 0.20 -13.49
C MET A 221 -7.15 -0.53 -14.30
N VAL A 222 -5.96 0.04 -14.33
CA VAL A 222 -4.84 -0.46 -15.12
C VAL A 222 -3.60 -0.68 -14.28
N VAL A 223 -3.07 -1.91 -14.34
CA VAL A 223 -1.72 -2.19 -13.86
C VAL A 223 -0.81 -2.01 -15.06
N PRO A 224 -0.03 -0.94 -15.09
CA PRO A 224 0.65 -0.59 -16.35
C PRO A 224 1.59 -1.68 -16.89
N CYS A 225 1.63 -1.81 -18.22
CA CYS A 225 2.32 -2.96 -18.84
CA CYS A 225 2.34 -2.93 -18.89
C CYS A 225 3.83 -3.06 -18.59
N GLU A 226 4.52 -1.93 -18.41
CA GLU A 226 5.96 -1.95 -18.15
C GLU A 226 6.32 -2.53 -16.80
N GLY A 227 5.35 -2.54 -15.89
CA GLY A 227 5.58 -2.96 -14.53
C GLY A 227 5.28 -1.82 -13.61
N THR A 228 5.18 -2.09 -12.32
CA THR A 228 4.84 -1.01 -11.39
C THR A 228 5.32 -1.33 -9.96
N GLY A 229 5.18 -0.37 -9.07
CA GLY A 229 5.56 -0.46 -7.67
C GLY A 229 4.34 -0.52 -6.77
N TYR A 230 4.57 -0.33 -5.48
CA TYR A 230 3.58 -0.72 -4.48
C TYR A 230 4.03 -0.29 -3.10
N GLU A 231 3.11 -0.42 -2.15
CA GLU A 231 3.37 -0.30 -0.72
C GLU A 231 2.91 -1.60 -0.11
N LEU A 232 3.49 -2.01 1.03
CA LEU A 232 3.04 -3.22 1.73
C LEU A 232 2.40 -2.89 3.07
N GLY A 233 1.44 -3.71 3.49
CA GLY A 233 0.92 -3.60 4.85
C GLY A 233 1.60 -4.64 5.70
N GLY A 234 1.87 -4.32 6.96
CA GLY A 234 2.68 -5.17 7.82
C GLY A 234 1.98 -5.70 9.05
N VAL A 235 2.42 -6.85 9.54
CA VAL A 235 2.07 -7.26 10.89
C VAL A 235 3.35 -7.67 11.65
N SER A 236 3.42 -7.32 12.94
CA SER A 236 4.61 -7.58 13.77
C SER A 236 4.22 -7.84 15.21
N ILE A 237 4.97 -8.72 15.90
CA ILE A 237 4.81 -8.94 17.35
C ILE A 237 5.76 -8.04 18.11
N LEU A 238 5.30 -7.42 19.19
CA LEU A 238 6.18 -6.59 20.02
CA LEU A 238 6.19 -6.58 20.00
C LEU A 238 7.05 -7.43 20.93
N LYS A 239 8.34 -7.09 21.02
CA LYS A 239 9.27 -7.76 21.95
C LYS A 239 8.75 -7.48 23.36
N GLY A 240 8.66 -8.52 24.19
CA GLY A 240 8.14 -8.39 25.54
C GLY A 240 6.63 -8.36 25.68
N ALA A 241 5.94 -8.77 24.61
CA ALA A 241 4.46 -8.83 24.59
C ALA A 241 3.97 -9.59 25.80
N ARG A 242 2.95 -9.07 26.46
CA ARG A 242 2.39 -9.76 27.62
CA ARG A 242 2.47 -9.80 27.62
C ARG A 242 1.66 -11.05 27.21
N ASN A 243 1.09 -11.04 26.01
CA ASN A 243 0.33 -12.19 25.51
C ASN A 243 0.97 -12.80 24.25
N LEU A 244 2.16 -13.38 24.41
CA LEU A 244 2.97 -13.80 23.26
C LEU A 244 2.31 -14.95 22.51
N ASP A 245 1.74 -15.91 23.23
CA ASP A 245 1.11 -17.03 22.54
C ASP A 245 -0.01 -16.53 21.62
N ASN A 246 -0.82 -15.60 22.12
CA ASN A 246 -1.95 -15.15 21.34
C ASN A 246 -1.48 -14.22 20.23
N ALA A 247 -0.35 -13.55 20.44
CA ALA A 247 0.20 -12.70 19.38
C ALA A 247 0.61 -13.57 18.19
N LYS A 248 1.18 -14.74 18.48
CA LYS A 248 1.58 -15.64 17.40
C LYS A 248 0.36 -16.15 16.66
N LEU A 249 -0.72 -16.48 17.40
CA LEU A 249 -1.97 -16.89 16.78
C LEU A 249 -2.52 -15.78 15.89
N PHE A 250 -2.38 -14.54 16.33
CA PHE A 250 -2.90 -13.43 15.52
C PHE A 250 -2.07 -13.21 14.25
N VAL A 251 -0.75 -13.33 14.34
CA VAL A 251 0.08 -13.28 13.13
C VAL A 251 -0.34 -14.40 12.17
N ASP A 252 -0.55 -15.63 12.69
CA ASP A 252 -1.07 -16.72 11.84
C ASP A 252 -2.34 -16.28 11.12
N PHE A 253 -3.26 -15.74 11.91
CA PHE A 253 -4.55 -15.31 11.39
C PHE A 253 -4.43 -14.22 10.32
N ALA A 254 -3.62 -13.21 10.61
CA ALA A 254 -3.41 -12.09 9.68
C ALA A 254 -2.77 -12.52 8.36
N LEU A 255 -2.05 -13.65 8.38
CA LEU A 255 -1.40 -14.18 7.18
C LEU A 255 -2.19 -15.31 6.53
N SER A 256 -3.36 -15.63 7.11
CA SER A 256 -4.16 -16.76 6.69
C SER A 256 -5.15 -16.42 5.58
N LYS A 257 -5.61 -17.45 4.88
CA LYS A 257 -6.66 -17.30 3.87
C LYS A 257 -7.90 -16.60 4.44
N GLU A 258 -8.42 -17.08 5.57
CA GLU A 258 -9.65 -16.49 6.11
C GLU A 258 -9.41 -15.09 6.68
N GLY A 259 -8.26 -14.88 7.33
CA GLY A 259 -7.99 -13.57 7.93
C GLY A 259 -7.80 -12.49 6.88
N GLN A 260 -7.20 -12.84 5.76
CA GLN A 260 -7.04 -11.87 4.69
C GLN A 260 -8.34 -11.67 3.89
N GLU A 261 -9.08 -12.75 3.57
CA GLU A 261 -10.37 -12.60 2.88
C GLU A 261 -11.33 -11.70 3.65
N THR A 262 -11.37 -11.81 4.97
CA THR A 262 -12.36 -11.04 5.72
C THR A 262 -12.05 -9.55 5.64
N ALA A 263 -10.80 -9.21 5.41
CA ALA A 263 -10.42 -7.81 5.25
C ALA A 263 -11.20 -7.13 4.12
N TRP A 264 -11.40 -7.81 2.98
CA TRP A 264 -12.23 -7.20 1.93
C TRP A 264 -13.69 -7.62 1.97
N LYS A 265 -13.97 -8.82 2.49
CA LYS A 265 -15.37 -9.24 2.57
C LYS A 265 -16.18 -8.43 3.57
N LYS A 266 -15.60 -8.12 4.72
CA LYS A 266 -16.32 -7.30 5.70
C LYS A 266 -15.53 -6.06 6.15
N GLY A 267 -14.20 -6.08 6.00
CA GLY A 267 -13.38 -5.04 6.56
C GLY A 267 -13.21 -3.80 5.70
N GLN A 268 -13.88 -3.80 4.53
CA GLN A 268 -13.93 -2.70 3.55
C GLN A 268 -12.57 -2.37 2.97
N ALA A 269 -11.58 -3.26 3.14
CA ALA A 269 -10.28 -2.98 2.56
C ALA A 269 -10.24 -3.49 1.12
N LEU A 270 -9.69 -2.73 0.19
CA LEU A 270 -9.66 -3.21 -1.19
CA LEU A 270 -9.65 -3.18 -1.19
C LEU A 270 -8.23 -3.43 -1.69
N GLN A 271 -7.26 -3.42 -0.78
CA GLN A 271 -5.90 -3.79 -1.16
C GLN A 271 -5.83 -5.26 -1.62
N THR A 272 -4.83 -5.55 -2.45
CA THR A 272 -4.59 -6.93 -2.90
C THR A 272 -3.97 -7.75 -1.77
N LEU A 273 -4.38 -9.02 -1.63
CA LEU A 273 -3.91 -9.86 -0.52
C LEU A 273 -2.63 -10.57 -0.86
N THR A 274 -1.79 -10.80 0.14
CA THR A 274 -0.50 -11.46 -0.11
C THR A 274 -0.58 -12.99 -0.04
N ASN A 275 -1.59 -13.53 0.63
CA ASN A 275 -1.70 -15.00 0.68
C ASN A 275 -2.20 -15.54 -0.65
N THR A 276 -1.39 -16.41 -1.28
CA THR A 276 -1.68 -16.88 -2.64
C THR A 276 -2.86 -17.83 -2.71
N THR A 277 -3.36 -18.31 -1.56
CA THR A 277 -4.57 -19.15 -1.54
C THR A 277 -5.85 -18.38 -1.32
N ALA A 278 -5.71 -17.08 -1.08
CA ALA A 278 -6.87 -16.28 -0.76
C ALA A 278 -7.63 -15.83 -2.00
N GLU A 279 -8.94 -15.83 -1.89
CA GLU A 279 -9.76 -15.19 -2.90
C GLU A 279 -9.57 -13.68 -2.79
N GLN A 280 -9.31 -13.03 -3.92
CA GLN A 280 -9.18 -11.57 -3.96
C GLN A 280 -10.53 -10.94 -4.15
N SER A 281 -10.67 -9.72 -3.68
CA SER A 281 -11.83 -8.91 -4.08
C SER A 281 -11.95 -8.91 -5.61
N PRO A 282 -13.18 -8.90 -6.16
CA PRO A 282 -13.28 -8.78 -7.62
C PRO A 282 -12.71 -7.46 -8.14
N LEU A 283 -12.53 -6.48 -7.25
CA LEU A 283 -11.92 -5.19 -7.60
C LEU A 283 -10.44 -5.11 -7.24
N ALA A 284 -9.83 -6.24 -6.90
CA ALA A 284 -8.38 -6.31 -6.64
C ALA A 284 -7.74 -7.21 -7.68
N PHE A 285 -6.51 -7.66 -7.43
CA PHE A 285 -5.77 -8.34 -8.49
C PHE A 285 -5.16 -9.67 -8.08
N ASP A 286 -4.81 -10.46 -9.09
CA ASP A 286 -4.19 -11.77 -8.92
C ASP A 286 -2.68 -11.55 -8.79
N LEU A 287 -2.20 -11.56 -7.54
CA LEU A 287 -0.89 -10.98 -7.20
C LEU A 287 0.23 -11.72 -7.92
N THR A 288 0.03 -13.02 -8.10
CA THR A 288 1.09 -13.85 -8.66
C THR A 288 1.31 -13.53 -10.14
N LYS A 289 0.33 -12.87 -10.76
CA LYS A 289 0.39 -12.55 -12.19
C LYS A 289 0.79 -11.11 -12.51
N LEU A 290 0.90 -10.28 -11.46
CA LEU A 290 1.24 -8.87 -11.62
C LEU A 290 2.69 -8.62 -11.96
N LYS A 291 2.92 -7.65 -12.85
CA LYS A 291 4.28 -7.27 -13.16
C LYS A 291 4.73 -6.21 -12.20
N LEU A 292 5.46 -6.62 -11.18
CA LEU A 292 5.91 -5.74 -10.11
C LEU A 292 7.42 -5.68 -10.04
N ILE A 293 7.96 -4.48 -9.88
CA ILE A 293 9.36 -4.35 -9.53
C ILE A 293 9.59 -4.96 -8.14
N ASP A 294 10.86 -5.13 -7.74
CA ASP A 294 11.12 -5.45 -6.35
C ASP A 294 11.50 -4.14 -5.70
N TYR A 295 10.53 -3.54 -5.03
CA TYR A 295 10.69 -2.19 -4.55
C TYR A 295 11.69 -2.13 -3.40
N ASP A 296 12.72 -1.32 -3.57
CA ASP A 296 13.77 -1.21 -2.56
C ASP A 296 13.39 -0.15 -1.54
N PHE A 297 12.70 -0.56 -0.48
CA PHE A 297 12.21 0.41 0.52
C PHE A 297 13.36 0.99 1.33
N GLU A 298 14.42 0.19 1.50
CA GLU A 298 15.56 0.67 2.27
C GLU A 298 16.20 1.88 1.58
N LYS A 299 16.42 1.76 0.27
CA LYS A 299 17.03 2.84 -0.50
C LYS A 299 16.13 4.06 -0.60
N TYR A 300 14.89 3.84 -1.02
CA TYR A 300 14.05 4.98 -1.36
C TYR A 300 13.30 5.55 -0.16
N GLY A 301 13.30 4.81 0.95
CA GLY A 301 12.64 5.29 2.15
C GLY A 301 13.51 6.16 3.02
N ALA A 302 14.81 6.19 2.72
CA ALA A 302 15.74 7.04 3.46
C ALA A 302 15.38 8.52 3.28
N SER A 303 15.30 9.28 4.37
CA SER A 303 14.83 10.66 4.29
CA SER A 303 14.84 10.67 4.30
C SER A 303 15.69 11.52 3.36
N ASP A 304 17.01 11.28 3.35
CA ASP A 304 17.85 12.10 2.49
C ASP A 304 17.60 11.81 1.00
N GLU A 305 17.40 10.54 0.64
CA GLU A 305 17.16 10.20 -0.76
C GLU A 305 15.80 10.71 -1.20
N ARG A 306 14.81 10.58 -0.32
CA ARG A 306 13.48 11.11 -0.60
C ARG A 306 13.53 12.62 -0.83
N LYS A 307 14.19 13.34 0.07
CA LYS A 307 14.34 14.78 -0.10
C LYS A 307 14.98 15.14 -1.42
N ARG A 308 16.04 14.41 -1.74
CA ARG A 308 16.78 14.68 -2.96
C ARG A 308 15.93 14.50 -4.21
N LEU A 309 15.18 13.40 -4.25
CA LEU A 309 14.37 13.10 -5.45
C LEU A 309 13.20 14.07 -5.62
N ILE A 310 12.60 14.49 -4.51
CA ILE A 310 11.52 15.45 -4.57
C ILE A 310 12.04 16.81 -5.01
N ASN A 311 13.17 17.20 -4.45
CA ASN A 311 13.82 18.44 -4.86
C ASN A 311 14.14 18.46 -6.36
N LYS A 312 14.61 17.33 -6.87
CA LYS A 312 14.91 17.19 -8.29
C LYS A 312 13.64 17.30 -9.12
N TRP A 313 12.55 16.73 -8.62
CA TRP A 313 11.30 16.83 -9.33
C TRP A 313 10.82 18.31 -9.39
N VAL A 314 10.89 19.00 -8.26
CA VAL A 314 10.56 20.42 -8.19
C VAL A 314 11.40 21.24 -9.17
N ASP A 315 12.72 21.06 -9.09
CA ASP A 315 13.66 21.85 -9.89
C ASP A 315 13.52 21.59 -11.40
N GLU A 316 13.34 20.33 -11.78
CA GLU A 316 13.36 19.96 -13.19
C GLU A 316 11.97 19.79 -13.85
N ILE A 317 10.95 19.55 -13.05
CA ILE A 317 9.64 19.24 -13.62
C ILE A 317 8.66 20.38 -13.35
N LYS A 318 8.45 20.67 -12.07
CA LYS A 318 7.51 21.72 -11.66
C LYS A 318 8.00 23.12 -12.05
N LEU A 319 9.30 23.37 -11.86
CA LEU A 319 9.90 24.68 -12.11
C LEU A 319 10.93 24.72 -13.26
N ALA A 320 10.80 23.84 -14.26
CA ALA A 320 11.73 23.87 -15.39
C ALA A 320 11.04 23.57 -16.71
C1 GOL B . -12.16 14.28 -3.50
O1 GOL B . -12.44 15.68 -3.68
C2 GOL B . -11.00 14.53 -2.59
O2 GOL B . -10.21 15.56 -3.11
C3 GOL B . -10.06 13.56 -2.01
O3 GOL B . -9.03 14.52 -1.67
C1 GOL C . -1.27 13.30 1.49
O1 GOL C . -0.83 14.63 1.20
C2 GOL C . -1.33 12.36 0.37
O2 GOL C . -2.62 11.89 0.35
C3 GOL C . -0.57 11.13 0.56
O3 GOL C . -0.18 10.60 -0.62
C1 GOL D . -6.31 20.36 -5.81
O1 GOL D . -6.81 19.18 -5.32
C2 GOL D . -5.28 20.61 -4.80
O2 GOL D . -5.17 19.37 -4.29
C3 GOL D . -3.92 21.01 -5.24
O3 GOL D . -3.67 22.35 -4.78
C1 GOL E . -6.29 -9.54 -12.05
O1 GOL E . -7.05 -10.51 -11.39
C2 GOL E . -4.98 -10.13 -12.51
O2 GOL E . -4.96 -10.36 -13.91
C3 GOL E . -3.88 -9.16 -12.13
O3 GOL E . -2.68 -9.89 -12.04
C1 GOL F . -10.18 20.72 -19.79
O1 GOL F . -10.65 19.45 -19.40
C2 GOL F . -8.70 20.58 -19.92
O2 GOL F . -7.88 20.50 -18.68
C3 GOL F . -8.19 21.26 -21.16
O3 GOL F . -6.99 21.93 -20.91
C1 PEG G . 7.47 -20.69 16.14
O1 PEG G . 7.06 -21.45 17.25
C2 PEG G . 8.81 -19.98 16.06
O2 PEG G . 9.04 -19.08 17.07
C3 PEG G . 9.51 -17.79 16.82
C4 PEG G . 8.81 -17.16 17.98
O4 PEG G . 9.10 -15.87 18.38
C TRS H . 4.82 -20.31 25.27
C1 TRS H . 5.97 -20.15 26.18
C2 TRS H . 5.32 -21.02 24.02
C3 TRS H . 4.34 -18.94 24.95
N TRS H . 3.64 -20.98 25.92
O1 TRS H . 5.87 -19.13 27.15
O2 TRS H . 6.75 -21.26 23.85
O3 TRS H . 5.25 -18.12 24.23
CL CL I . -11.24 -20.32 -2.86
#